data_3HF4
#
_entry.id   3HF4
#
_cell.length_a   94.140
_cell.length_b   54.015
_cell.length_c   115.008
_cell.angle_alpha   90.00
_cell.angle_beta   93.80
_cell.angle_gamma   90.00
#
_symmetry.space_group_name_H-M   'C 1 2 1'
#
loop_
_entity.id
_entity.type
_entity.pdbx_description
1 polymer 'Hemoglobin subunit alpha-1/2'
2 polymer 'Hemoglobin subunit beta-1'
3 non-polymer 'PROTOPORPHYRIN IX CONTAINING FE'
4 water water
#
loop_
_entity_poly.entity_id
_entity_poly.type
_entity_poly.pdbx_seq_one_letter_code
_entity_poly.pdbx_strand_id
1 'polypeptide(L)'
;VLSADDKTNIKNCWGKIGGHGGEYGEEALQRMFAAFPTTKTYFSHIDVSPGSAQVKAHGKKVADALAKAADHVEDLPGAL
STLSDLHAHKLRVDPVNFKFLSHCLLVTLACHHPGDFTPAMHASLDKFLASVSTVLTSKYR
;
A,E
2 'polypeptide(L)'
;VHLTDAEKAAVNGLWGKVNPDDVGGEALGRLLVVYPWTQRYFDSFGDLSSASAIMGNPKVKAHGKKVINAFNDGLKHLDN
LKGTFAHLSELHCDKLHVDPENFRLLGNMIVIVLGHHLGKEFTPCAQAAFQKVVAGVASALAHKYH
;
B,F
#
loop_
_chem_comp.id
_chem_comp.type
_chem_comp.name
_chem_comp.formula
HEM non-polymer 'PROTOPORPHYRIN IX CONTAINING FE' 'C34 H32 Fe N4 O4'
#
# COMPACT_ATOMS: atom_id res chain seq x y z
N VAL A 1 -0.83 4.66 14.60
CA VAL A 1 -0.20 5.26 15.82
C VAL A 1 -0.92 4.86 17.12
N LEU A 2 -2.23 4.65 17.03
CA LEU A 2 -3.07 4.21 18.16
C LEU A 2 -3.32 5.31 19.20
N SER A 3 -4.60 5.58 19.45
CA SER A 3 -5.04 6.52 20.47
C SER A 3 -5.15 5.84 21.84
N ALA A 4 -5.69 6.56 22.82
CA ALA A 4 -6.00 5.98 24.13
C ALA A 4 -7.12 4.96 24.02
N ASP A 5 -8.16 5.30 23.25
CA ASP A 5 -9.28 4.40 22.97
C ASP A 5 -8.81 3.14 22.27
N ASP A 6 -7.88 3.31 21.31
CA ASP A 6 -7.33 2.19 20.54
C ASP A 6 -6.64 1.17 21.43
N LYS A 7 -5.91 1.65 22.43
CA LYS A 7 -5.16 0.78 23.33
C LYS A 7 -6.08 -0.05 24.22
N THR A 8 -7.03 0.60 24.89
CA THR A 8 -7.94 -0.11 25.80
C THR A 8 -8.86 -1.09 25.04
N ASN A 9 -9.20 -0.74 23.80
CA ASN A 9 -9.90 -1.66 22.89
C ASN A 9 -9.09 -2.92 22.59
N ILE A 10 -7.80 -2.73 22.32
CA ILE A 10 -6.87 -3.83 22.07
C ILE A 10 -6.74 -4.72 23.32
N LYS A 11 -6.63 -4.08 24.48
CA LYS A 11 -6.46 -4.78 25.74
C LYS A 11 -7.69 -5.62 26.10
N ASN A 12 -8.87 -5.06 25.85
CA ASN A 12 -10.14 -5.75 26.11
C ASN A 12 -10.39 -6.94 25.20
N CYS A 13 -10.02 -6.80 23.93
CA CYS A 13 -10.18 -7.87 22.96
C CYS A 13 -9.30 -9.08 23.31
N TRP A 14 -8.01 -8.84 23.54
CA TRP A 14 -7.11 -9.91 23.99
C TRP A 14 -7.43 -10.41 25.39
N GLY A 15 -8.13 -9.56 26.16
CA GLY A 15 -8.78 -10.00 27.39
C GLY A 15 -9.81 -11.07 27.05
N LYS A 16 -10.78 -10.70 26.23
CA LYS A 16 -11.86 -11.62 25.82
C LYS A 16 -11.41 -12.82 24.97
N ILE A 17 -10.19 -12.74 24.41
CA ILE A 17 -9.64 -13.86 23.66
C ILE A 17 -9.13 -14.94 24.62
N GLY A 18 -8.42 -14.52 25.67
CA GLY A 18 -7.93 -15.43 26.70
C GLY A 18 -7.16 -16.62 26.16
N GLY A 19 -7.63 -17.82 26.49
CA GLY A 19 -6.99 -19.05 26.06
C GLY A 19 -7.31 -19.51 24.66
N HIS A 20 -8.30 -18.87 24.04
CA HIS A 20 -8.73 -19.23 22.68
C HIS A 20 -7.77 -18.76 21.58
N GLY A 21 -6.72 -18.04 21.97
CA GLY A 21 -5.74 -17.46 21.04
C GLY A 21 -5.15 -18.45 20.05
N GLY A 22 -4.70 -19.60 20.55
CA GLY A 22 -4.06 -20.62 19.73
C GLY A 22 -4.91 -21.12 18.57
N GLU A 23 -6.22 -21.23 18.80
CA GLU A 23 -7.18 -21.68 17.79
C GLU A 23 -7.34 -20.65 16.67
N TYR A 24 -7.27 -19.38 17.04
CA TYR A 24 -7.50 -18.29 16.08
C TYR A 24 -6.27 -18.01 15.22
N GLY A 25 -5.09 -18.16 15.80
CA GLY A 25 -3.84 -18.08 15.04
C GLY A 25 -3.81 -19.17 13.97
N GLU A 26 -4.09 -20.41 14.40
CA GLU A 26 -4.17 -21.56 13.50
C GLU A 26 -5.13 -21.28 12.35
N GLU A 27 -6.37 -20.91 12.70
CA GLU A 27 -7.43 -20.64 11.73
C GLU A 27 -7.04 -19.52 10.76
N ALA A 28 -6.45 -18.44 11.28
CA ALA A 28 -5.98 -17.33 10.46
C ALA A 28 -5.00 -17.79 9.38
N LEU A 29 -4.07 -18.66 9.75
CA LEU A 29 -3.08 -19.19 8.81
C LEU A 29 -3.72 -20.09 7.75
N GLN A 30 -4.60 -20.98 8.17
CA GLN A 30 -5.36 -21.84 7.25
C GLN A 30 -6.06 -20.99 6.19
N ARG A 31 -6.70 -19.91 6.65
CA ARG A 31 -7.40 -18.96 5.78
C ARG A 31 -6.45 -18.22 4.85
N MET A 32 -5.25 -17.88 5.35
CA MET A 32 -4.23 -17.24 4.53
C MET A 32 -3.68 -18.17 3.45
N PHE A 33 -3.46 -19.43 3.80
CA PHE A 33 -3.00 -20.44 2.84
C PHE A 33 -4.06 -20.71 1.78
N ALA A 34 -5.32 -20.78 2.20
CA ALA A 34 -6.43 -21.10 1.30
C ALA A 34 -6.79 -19.95 0.36
N ALA A 35 -6.88 -18.74 0.89
CA ALA A 35 -7.32 -17.58 0.13
C ALA A 35 -6.18 -16.89 -0.64
N PHE A 36 -4.97 -17.04 -0.14
CA PHE A 36 -3.79 -16.43 -0.77
C PHE A 36 -2.68 -17.46 -0.89
N PRO A 37 -2.79 -18.37 -1.89
CA PRO A 37 -1.89 -19.53 -2.02
C PRO A 37 -0.42 -19.15 -2.20
N THR A 38 -0.18 -17.88 -2.53
CA THR A 38 1.16 -17.31 -2.67
C THR A 38 1.98 -17.39 -1.38
N THR A 39 1.31 -17.27 -0.24
CA THR A 39 1.97 -17.23 1.07
C THR A 39 2.53 -18.58 1.49
N LYS A 40 2.06 -19.65 0.84
CA LYS A 40 2.53 -21.01 1.13
C LYS A 40 4.02 -21.19 0.86
N THR A 41 4.55 -20.42 -0.10
CA THR A 41 5.97 -20.45 -0.47
C THR A 41 6.90 -20.29 0.73
N TYR A 42 6.52 -19.44 1.68
CA TYR A 42 7.33 -19.17 2.87
C TYR A 42 7.35 -20.33 3.87
N PHE A 43 6.38 -21.24 3.74
CA PHE A 43 6.28 -22.39 4.64
C PHE A 43 6.53 -23.73 3.94
N SER A 44 7.45 -23.73 2.97
CA SER A 44 7.77 -24.90 2.16
C SER A 44 8.28 -26.10 2.96
N HIS A 45 8.73 -25.86 4.17
CA HIS A 45 9.44 -26.87 4.95
C HIS A 45 8.57 -27.60 5.98
N ILE A 46 7.34 -27.14 6.15
CA ILE A 46 6.38 -27.81 7.04
C ILE A 46 5.16 -28.30 6.26
N ASP A 47 4.40 -29.19 6.90
CA ASP A 47 3.13 -29.63 6.37
C ASP A 47 2.12 -28.50 6.53
N VAL A 48 1.45 -28.15 5.45
CA VAL A 48 0.51 -27.03 5.42
C VAL A 48 -0.94 -27.50 5.13
N SER A 49 -1.13 -28.82 5.09
CA SER A 49 -2.45 -29.44 4.90
C SER A 49 -3.46 -28.90 5.92
N PRO A 50 -4.72 -28.67 5.48
CA PRO A 50 -5.76 -28.12 6.35
C PRO A 50 -5.56 -28.44 7.84
N GLY A 51 -5.71 -29.70 8.23
CA GLY A 51 -5.49 -30.09 9.62
C GLY A 51 -4.07 -30.55 9.84
N SER A 52 -3.20 -29.64 10.26
CA SER A 52 -1.77 -29.96 10.39
C SER A 52 -1.24 -29.58 11.77
N ALA A 53 -0.58 -30.54 12.42
CA ALA A 53 0.01 -30.34 13.74
C ALA A 53 1.08 -29.24 13.73
N GLN A 54 1.80 -29.14 12.61
CA GLN A 54 2.82 -28.11 12.43
C GLN A 54 2.20 -26.71 12.33
N VAL A 55 1.08 -26.62 11.61
CA VAL A 55 0.34 -25.35 11.48
C VAL A 55 -0.34 -24.98 12.79
N LYS A 56 -0.82 -26.00 13.52
CA LYS A 56 -1.44 -25.80 14.83
C LYS A 56 -0.41 -25.29 15.84
N ALA A 57 0.80 -25.83 15.77
CA ALA A 57 1.89 -25.41 16.65
C ALA A 57 2.33 -23.98 16.35
N HIS A 58 2.49 -23.68 15.06
CA HIS A 58 2.85 -22.33 14.60
C HIS A 58 1.73 -21.32 14.92
N GLY A 59 0.49 -21.77 14.80
CA GLY A 59 -0.68 -20.94 15.13
C GLY A 59 -0.62 -20.40 16.55
N LYS A 60 -0.18 -21.26 17.47
CA LYS A 60 -0.04 -20.88 18.88
C LYS A 60 1.12 -19.93 19.10
N LYS A 61 2.21 -20.12 18.36
CA LYS A 61 3.37 -19.23 18.42
C LYS A 61 3.00 -17.79 18.04
N VAL A 62 2.21 -17.65 16.97
CA VAL A 62 1.73 -16.36 16.50
C VAL A 62 0.85 -15.68 17.55
N ALA A 63 -0.06 -16.47 18.15
CA ALA A 63 -1.01 -15.97 19.13
C ALA A 63 -0.32 -15.40 20.37
N ASP A 64 0.74 -16.10 20.82
CA ASP A 64 1.54 -15.67 21.96
C ASP A 64 2.23 -14.35 21.68
N ALA A 65 2.74 -14.22 20.45
CA ALA A 65 3.41 -13.01 19.99
C ALA A 65 2.46 -11.82 19.94
N LEU A 66 1.23 -12.07 19.51
CA LEU A 66 0.20 -11.04 19.48
C LEU A 66 -0.29 -10.67 20.88
N ALA A 67 -0.29 -11.66 21.78
CA ALA A 67 -0.65 -11.44 23.18
C ALA A 67 0.40 -10.60 23.89
N LYS A 68 1.66 -10.76 23.50
CA LYS A 68 2.77 -10.01 24.07
C LYS A 68 2.81 -8.58 23.52
N ALA A 69 2.37 -8.42 22.26
CA ALA A 69 2.27 -7.11 21.62
C ALA A 69 1.15 -6.27 22.23
N ALA A 70 0.09 -6.93 22.70
CA ALA A 70 -1.03 -6.26 23.35
C ALA A 70 -0.69 -5.78 24.77
N ASP A 71 0.25 -6.48 25.42
CA ASP A 71 0.74 -6.09 26.74
C ASP A 71 1.63 -4.85 26.65
N HIS A 72 2.57 -4.85 25.71
CA HIS A 72 3.52 -3.76 25.54
C HIS A 72 3.17 -2.89 24.35
N VAL A 73 1.91 -2.48 24.27
CA VAL A 73 1.40 -1.64 23.18
C VAL A 73 2.22 -0.37 22.99
N GLU A 74 2.57 0.27 24.10
CA GLU A 74 3.31 1.53 24.07
C GLU A 74 4.79 1.38 23.73
N ASP A 75 5.24 0.13 23.55
CA ASP A 75 6.62 -0.15 23.14
C ASP A 75 6.70 -1.36 22.22
N LEU A 76 6.10 -1.22 21.04
CA LEU A 76 6.09 -2.30 20.04
C LEU A 76 7.46 -2.57 19.41
N PRO A 77 8.26 -1.52 19.15
CA PRO A 77 9.64 -1.77 18.70
C PRO A 77 10.44 -2.64 19.68
N GLY A 78 10.32 -2.37 20.97
CA GLY A 78 11.06 -3.10 21.99
C GLY A 78 10.61 -4.53 22.17
N ALA A 79 9.31 -4.72 22.30
CA ALA A 79 8.71 -6.03 22.58
C ALA A 79 8.95 -7.09 21.49
N LEU A 80 9.15 -6.66 20.26
CA LEU A 80 9.21 -7.58 19.12
C LEU A 80 10.48 -7.45 18.28
N SER A 81 11.59 -7.07 18.91
CA SER A 81 12.85 -6.91 18.16
C SER A 81 13.34 -8.22 17.56
N THR A 82 13.19 -9.31 18.31
CA THR A 82 13.57 -10.65 17.83
C THR A 82 12.76 -11.05 16.60
N LEU A 83 11.44 -10.84 16.66
CA LEU A 83 10.54 -11.14 15.55
C LEU A 83 10.78 -10.24 14.35
N SER A 84 11.33 -9.05 14.61
CA SER A 84 11.67 -8.11 13.54
C SER A 84 12.94 -8.54 12.79
N ASP A 85 13.89 -9.13 13.51
CA ASP A 85 15.07 -9.70 12.87
C ASP A 85 14.75 -10.95 12.07
N LEU A 86 13.80 -11.73 12.55
CA LEU A 86 13.37 -12.94 11.87
C LEU A 86 12.74 -12.60 10.51
N HIS A 87 11.70 -11.75 10.53
CA HIS A 87 10.88 -11.48 9.35
C HIS A 87 11.48 -10.48 8.37
N ALA A 88 12.26 -9.54 8.87
CA ALA A 88 12.81 -8.48 8.03
C ALA A 88 14.24 -8.71 7.57
N HIS A 89 15.11 -9.21 8.45
CA HIS A 89 16.49 -9.50 8.06
C HIS A 89 16.66 -10.91 7.52
N LYS A 90 16.23 -11.91 8.28
CA LYS A 90 16.42 -13.32 7.90
C LYS A 90 15.45 -13.80 6.82
N LEU A 91 14.15 -13.70 7.08
CA LEU A 91 13.13 -14.26 6.18
C LEU A 91 12.82 -13.40 4.95
N ARG A 92 13.06 -12.09 5.07
CA ARG A 92 12.84 -11.14 3.97
C ARG A 92 11.39 -11.17 3.45
N VAL A 93 10.44 -11.19 4.38
CA VAL A 93 9.01 -11.31 4.02
C VAL A 93 8.50 -10.05 3.32
N ASP A 94 7.88 -10.24 2.17
CA ASP A 94 7.21 -9.17 1.45
C ASP A 94 6.03 -8.66 2.30
N PRO A 95 5.90 -7.33 2.43
CA PRO A 95 4.87 -6.70 3.28
C PRO A 95 3.43 -7.09 2.99
N VAL A 96 3.10 -7.39 1.73
CA VAL A 96 1.72 -7.73 1.36
C VAL A 96 1.20 -8.93 2.11
N ASN A 97 2.10 -9.87 2.39
CA ASN A 97 1.78 -11.08 3.14
C ASN A 97 1.20 -10.76 4.51
N PHE A 98 1.74 -9.73 5.16
CA PHE A 98 1.24 -9.25 6.45
C PHE A 98 -0.18 -8.70 6.34
N LYS A 99 -0.44 -7.95 5.27
CA LYS A 99 -1.81 -7.48 4.98
C LYS A 99 -2.76 -8.66 4.76
N PHE A 100 -2.26 -9.74 4.17
CA PHE A 100 -3.05 -10.95 3.94
C PHE A 100 -3.38 -11.67 5.25
N LEU A 101 -2.38 -11.82 6.12
CA LEU A 101 -2.59 -12.47 7.42
C LEU A 101 -3.40 -11.60 8.38
N SER A 102 -3.14 -10.29 8.38
CA SER A 102 -3.91 -9.34 9.18
C SER A 102 -5.39 -9.48 8.88
N HIS A 103 -5.72 -9.51 7.59
CA HIS A 103 -7.09 -9.62 7.12
C HIS A 103 -7.71 -10.96 7.52
N CYS A 104 -6.98 -12.06 7.31
CA CYS A 104 -7.46 -13.39 7.67
C CYS A 104 -7.64 -13.54 9.18
N LEU A 105 -6.87 -12.76 9.94
CA LEU A 105 -7.02 -12.72 11.39
C LEU A 105 -8.28 -11.95 11.80
N LEU A 106 -8.61 -10.90 11.07
CA LEU A 106 -9.82 -10.13 11.32
C LEU A 106 -11.10 -10.87 10.93
N VAL A 107 -11.01 -11.68 9.87
CA VAL A 107 -12.12 -12.54 9.45
C VAL A 107 -12.43 -13.56 10.54
N THR A 108 -11.37 -14.18 11.07
CA THR A 108 -11.48 -15.17 12.14
C THR A 108 -12.19 -14.59 13.36
N LEU A 109 -11.65 -13.50 13.89
CA LEU A 109 -12.24 -12.81 15.04
C LEU A 109 -13.69 -12.34 14.80
N ALA A 110 -14.03 -12.04 13.55
CA ALA A 110 -15.40 -11.72 13.15
C ALA A 110 -16.31 -12.95 13.18
N CYS A 111 -15.77 -14.10 12.78
CA CYS A 111 -16.49 -15.38 12.80
C CYS A 111 -16.74 -15.92 14.21
N HIS A 112 -15.82 -15.63 15.13
CA HIS A 112 -15.87 -16.22 16.46
C HIS A 112 -16.42 -15.29 17.54
N HIS A 113 -16.20 -13.99 17.37
CA HIS A 113 -16.65 -13.01 18.36
C HIS A 113 -17.45 -11.86 17.73
N PRO A 114 -18.55 -12.18 17.03
CA PRO A 114 -19.28 -11.16 16.27
C PRO A 114 -19.94 -10.08 17.13
N GLY A 115 -20.25 -10.42 18.38
CA GLY A 115 -20.84 -9.45 19.32
C GLY A 115 -19.88 -8.35 19.70
N ASP A 116 -18.65 -8.72 20.01
CA ASP A 116 -17.61 -7.78 20.44
C ASP A 116 -16.87 -7.15 19.25
N PHE A 117 -17.00 -7.77 18.09
CA PHE A 117 -16.39 -7.26 16.87
C PHE A 117 -17.26 -6.16 16.25
N THR A 118 -17.24 -4.99 16.87
CA THR A 118 -17.98 -3.82 16.40
C THR A 118 -17.17 -3.08 15.31
N PRO A 119 -17.80 -2.11 14.61
CA PRO A 119 -17.04 -1.23 13.73
C PRO A 119 -15.88 -0.51 14.44
N ALA A 120 -16.11 -0.02 15.65
CA ALA A 120 -15.09 0.70 16.42
C ALA A 120 -13.96 -0.21 16.90
N MET A 121 -14.30 -1.45 17.26
CA MET A 121 -13.30 -2.46 17.64
C MET A 121 -12.44 -2.82 16.43
N HIS A 122 -13.11 -3.08 15.31
CA HIS A 122 -12.47 -3.47 14.05
C HIS A 122 -11.47 -2.41 13.57
N ALA A 123 -11.80 -1.13 13.76
CA ALA A 123 -10.88 -0.04 13.44
C ALA A 123 -9.61 -0.09 14.29
N SER A 124 -9.78 -0.37 15.59
CA SER A 124 -8.67 -0.49 16.51
C SER A 124 -7.76 -1.67 16.19
N LEU A 125 -8.37 -2.82 15.91
CA LEU A 125 -7.61 -4.04 15.62
C LEU A 125 -6.85 -3.95 14.29
N ASP A 126 -7.47 -3.32 13.29
CA ASP A 126 -6.84 -3.11 11.97
C ASP A 126 -5.61 -2.23 12.09
N LYS A 127 -5.72 -1.22 12.96
CA LYS A 127 -4.65 -0.27 13.20
C LYS A 127 -3.52 -0.94 13.98
N PHE A 128 -3.89 -1.78 14.96
CA PHE A 128 -2.96 -2.53 15.80
C PHE A 128 -2.08 -3.48 14.98
N LEU A 129 -2.72 -4.29 14.15
CA LEU A 129 -2.03 -5.24 13.27
C LEU A 129 -1.17 -4.54 12.23
N ALA A 130 -1.62 -3.35 11.80
CA ALA A 130 -0.85 -2.55 10.84
C ALA A 130 0.47 -2.06 11.44
N SER A 131 0.42 -1.64 12.71
CA SER A 131 1.63 -1.19 13.40
C SER A 131 2.55 -2.35 13.79
N VAL A 132 1.94 -3.49 14.15
CA VAL A 132 2.69 -4.74 14.33
C VAL A 132 3.42 -5.15 13.03
N SER A 133 2.73 -5.00 11.90
CA SER A 133 3.31 -5.27 10.58
C SER A 133 4.45 -4.32 10.21
N THR A 134 4.28 -3.04 10.55
CA THR A 134 5.29 -2.01 10.30
C THR A 134 6.60 -2.34 11.01
N VAL A 135 6.50 -2.73 12.28
CA VAL A 135 7.64 -3.10 13.12
C VAL A 135 8.34 -4.38 12.60
N LEU A 136 7.54 -5.31 12.10
CA LEU A 136 8.02 -6.63 11.68
C LEU A 136 8.73 -6.62 10.32
N THR A 137 8.40 -5.65 9.47
CA THR A 137 8.96 -5.55 8.13
C THR A 137 10.00 -4.42 8.05
N SER A 138 10.57 -4.05 9.19
CA SER A 138 11.22 -2.75 9.32
C SER A 138 12.76 -2.72 9.25
N LYS A 139 13.42 -3.64 9.95
CA LYS A 139 14.89 -3.65 10.05
C LYS A 139 15.45 -2.49 10.89
N TYR A 140 15.79 -2.79 12.14
CA TYR A 140 16.55 -1.88 13.00
C TYR A 140 17.49 -2.74 13.84
N ARG A 141 17.73 -2.37 15.10
CA ARG A 141 18.52 -3.23 16.02
C ARG A 141 18.55 -2.66 17.45
N VAL B 1 -10.73 -14.55 -12.54
CA VAL B 1 -12.01 -15.13 -12.04
C VAL B 1 -12.12 -16.64 -12.33
N HIS B 2 -11.38 -17.43 -11.55
CA HIS B 2 -11.40 -18.89 -11.61
C HIS B 2 -12.81 -19.44 -11.39
N LEU B 3 -13.15 -19.60 -10.12
CA LEU B 3 -14.37 -20.28 -9.66
C LEU B 3 -14.66 -21.62 -10.35
N THR B 4 -14.11 -22.67 -9.75
CA THR B 4 -14.38 -24.06 -10.14
C THR B 4 -15.81 -24.43 -9.71
N ASP B 5 -16.21 -25.66 -9.98
CA ASP B 5 -17.55 -26.14 -9.59
C ASP B 5 -17.77 -26.11 -8.08
N ALA B 6 -16.74 -26.47 -7.32
CA ALA B 6 -16.78 -26.42 -5.86
C ALA B 6 -16.84 -24.98 -5.35
N GLU B 7 -16.14 -24.09 -6.03
CA GLU B 7 -16.13 -22.68 -5.68
C GLU B 7 -17.42 -21.97 -6.11
N LYS B 8 -18.05 -22.50 -7.16
CA LYS B 8 -19.37 -22.02 -7.60
C LYS B 8 -20.45 -22.36 -6.58
N ALA B 9 -20.48 -23.62 -6.14
CA ALA B 9 -21.47 -24.11 -5.18
C ALA B 9 -21.37 -23.43 -3.82
N ALA B 10 -20.16 -23.06 -3.43
CA ALA B 10 -19.91 -22.40 -2.16
C ALA B 10 -20.39 -20.95 -2.15
N VAL B 11 -20.10 -20.23 -3.24
CA VAL B 11 -20.42 -18.81 -3.35
C VAL B 11 -21.92 -18.52 -3.37
N ASN B 12 -22.69 -19.24 -4.20
CA ASN B 12 -24.13 -19.00 -4.29
C ASN B 12 -24.95 -19.79 -3.28
N GLY B 13 -24.36 -20.85 -2.73
CA GLY B 13 -24.98 -21.59 -1.63
C GLY B 13 -25.00 -20.78 -0.34
N LEU B 14 -23.96 -19.98 -0.13
CA LEU B 14 -23.83 -19.14 1.07
C LEU B 14 -24.37 -17.72 0.88
N TRP B 15 -24.34 -17.23 -0.36
CA TRP B 15 -24.89 -15.92 -0.69
C TRP B 15 -26.40 -15.90 -0.51
N GLY B 16 -27.04 -17.04 -0.79
CA GLY B 16 -28.49 -17.19 -0.66
C GLY B 16 -29.03 -17.18 0.75
N LYS B 17 -28.17 -17.33 1.75
CA LYS B 17 -28.61 -17.29 3.14
C LYS B 17 -28.05 -16.11 3.96
N VAL B 18 -27.79 -15.00 3.28
CA VAL B 18 -27.57 -13.71 3.93
C VAL B 18 -28.49 -12.66 3.29
N ASN B 19 -28.80 -11.61 4.04
CA ASN B 19 -29.51 -10.46 3.49
C ASN B 19 -28.50 -9.53 2.81
N PRO B 20 -28.53 -9.48 1.46
CA PRO B 20 -27.51 -8.75 0.71
C PRO B 20 -27.54 -7.24 0.96
N ASP B 21 -28.74 -6.69 1.20
CA ASP B 21 -28.90 -5.27 1.46
C ASP B 21 -28.17 -4.86 2.74
N ASP B 22 -28.30 -5.71 3.77
CA ASP B 22 -27.65 -5.47 5.06
C ASP B 22 -26.14 -5.65 5.00
N VAL B 23 -25.70 -6.61 4.19
CA VAL B 23 -24.28 -6.85 3.97
C VAL B 23 -23.61 -5.61 3.37
N GLY B 24 -24.23 -5.04 2.35
CA GLY B 24 -23.74 -3.81 1.70
C GLY B 24 -23.78 -2.60 2.62
N GLY B 25 -24.81 -2.53 3.46
CA GLY B 25 -24.96 -1.45 4.44
C GLY B 25 -23.85 -1.44 5.48
N GLU B 26 -23.63 -2.60 6.10
CA GLU B 26 -22.62 -2.74 7.15
C GLU B 26 -21.18 -2.65 6.63
N ALA B 27 -20.92 -3.28 5.48
CA ALA B 27 -19.60 -3.26 4.85
C ALA B 27 -19.16 -1.84 4.47
N LEU B 28 -20.10 -1.07 3.90
CA LEU B 28 -19.86 0.35 3.60
C LEU B 28 -19.66 1.12 4.89
N GLY B 29 -20.58 0.93 5.84
CA GLY B 29 -20.50 1.56 7.16
C GLY B 29 -19.16 1.34 7.85
N ARG B 30 -18.65 0.11 7.75
CA ARG B 30 -17.36 -0.25 8.34
C ARG B 30 -16.18 0.39 7.62
N LEU B 31 -16.27 0.50 6.29
CA LEU B 31 -15.24 1.16 5.49
C LEU B 31 -15.06 2.62 5.93
N LEU B 32 -16.17 3.28 6.23
CA LEU B 32 -16.16 4.68 6.67
C LEU B 32 -15.56 4.80 8.08
N VAL B 33 -15.81 3.81 8.93
CA VAL B 33 -15.24 3.77 10.28
C VAL B 33 -13.73 3.42 10.24
N VAL B 34 -13.40 2.25 9.69
CA VAL B 34 -12.03 1.72 9.73
C VAL B 34 -11.00 2.56 8.95
N TYR B 35 -11.40 3.04 7.77
CA TYR B 35 -10.54 3.88 6.95
C TYR B 35 -11.18 5.24 6.74
N PRO B 36 -10.98 6.17 7.71
CA PRO B 36 -11.80 7.38 7.83
C PRO B 36 -11.72 8.34 6.66
N TRP B 37 -10.62 8.31 5.90
CA TRP B 37 -10.43 9.24 4.79
C TRP B 37 -11.44 9.04 3.68
N THR B 38 -11.99 7.83 3.59
CA THR B 38 -13.02 7.50 2.60
C THR B 38 -14.28 8.34 2.78
N GLN B 39 -14.49 8.86 4.00
CA GLN B 39 -15.60 9.76 4.30
C GLN B 39 -15.66 10.97 3.37
N ARG B 40 -14.48 11.47 2.98
CA ARG B 40 -14.37 12.65 2.12
C ARG B 40 -15.12 12.49 0.79
N TYR B 41 -15.00 11.33 0.17
CA TYR B 41 -15.64 11.05 -1.12
C TYR B 41 -17.17 11.09 -1.02
N PHE B 42 -17.71 10.75 0.14
CA PHE B 42 -19.16 10.77 0.36
C PHE B 42 -19.59 12.01 1.14
N ASP B 43 -19.39 13.18 0.54
CA ASP B 43 -19.80 14.45 1.17
C ASP B 43 -21.29 14.74 0.98
N SER B 44 -21.91 14.06 0.01
CA SER B 44 -23.35 14.16 -0.23
C SER B 44 -24.17 13.46 0.87
N PHE B 45 -23.47 12.91 1.86
CA PHE B 45 -24.08 12.03 2.87
C PHE B 45 -24.40 12.71 4.20
N GLY B 46 -24.05 13.98 4.33
CA GLY B 46 -24.30 14.73 5.56
C GLY B 46 -23.26 14.46 6.63
N ASP B 47 -23.71 14.25 7.87
CA ASP B 47 -22.81 14.05 9.01
C ASP B 47 -22.17 12.67 8.98
N LEU B 48 -20.85 12.62 9.18
CA LEU B 48 -20.10 11.37 9.22
C LEU B 48 -19.00 11.40 10.28
N SER B 49 -19.28 12.08 11.40
CA SER B 49 -18.24 12.38 12.39
C SER B 49 -18.12 11.39 13.57
N SER B 50 -18.90 10.31 13.54
CA SER B 50 -18.83 9.27 14.59
C SER B 50 -19.28 7.89 14.10
N ALA B 51 -18.89 6.86 14.84
CA ALA B 51 -19.24 5.47 14.52
C ALA B 51 -20.74 5.22 14.62
N SER B 52 -21.35 5.72 15.69
CA SER B 52 -22.78 5.59 15.91
C SER B 52 -23.59 6.33 14.85
N ALA B 53 -23.04 7.45 14.38
CA ALA B 53 -23.68 8.26 13.35
C ALA B 53 -23.71 7.55 11.99
N ILE B 54 -22.54 7.11 11.53
CA ILE B 54 -22.40 6.57 10.16
C ILE B 54 -23.00 5.18 9.97
N MET B 55 -23.14 4.43 11.06
CA MET B 55 -23.80 3.13 11.00
C MET B 55 -25.32 3.30 10.98
N GLY B 56 -25.80 4.37 11.59
CA GLY B 56 -27.23 4.67 11.62
C GLY B 56 -27.70 5.58 10.48
N ASN B 57 -26.75 6.08 9.69
CA ASN B 57 -27.03 6.97 8.57
C ASN B 57 -27.81 6.27 7.44
N PRO B 58 -29.01 6.78 7.08
CA PRO B 58 -29.87 6.19 6.06
C PRO B 58 -29.26 6.27 4.66
N LYS B 59 -28.66 7.41 4.35
CA LYS B 59 -27.98 7.66 3.08
C LYS B 59 -26.89 6.60 2.84
N VAL B 60 -26.21 6.20 3.92
CA VAL B 60 -25.21 5.14 3.90
C VAL B 60 -25.84 3.78 3.60
N LYS B 61 -26.95 3.48 4.26
CA LYS B 61 -27.66 2.20 4.08
C LYS B 61 -28.26 2.07 2.69
N ALA B 62 -28.81 3.17 2.18
CA ALA B 62 -29.33 3.22 0.82
C ALA B 62 -28.23 3.01 -0.23
N HIS B 63 -27.04 3.55 0.03
CA HIS B 63 -25.93 3.42 -0.91
C HIS B 63 -25.30 2.02 -0.91
N GLY B 64 -25.24 1.39 0.26
CA GLY B 64 -24.80 0.00 0.38
C GLY B 64 -25.69 -0.94 -0.41
N LYS B 65 -26.98 -0.59 -0.47
CA LYS B 65 -27.97 -1.29 -1.27
C LYS B 65 -27.65 -1.14 -2.77
N LYS B 66 -27.19 0.05 -3.16
CA LYS B 66 -26.74 0.30 -4.55
C LYS B 66 -25.47 -0.50 -4.86
N VAL B 67 -24.51 -0.46 -3.92
CA VAL B 67 -23.19 -1.10 -4.08
C VAL B 67 -23.29 -2.63 -4.17
N ILE B 68 -24.18 -3.21 -3.38
CA ILE B 68 -24.37 -4.66 -3.38
C ILE B 68 -25.17 -5.12 -4.61
N ASN B 69 -25.99 -4.24 -5.16
CA ASN B 69 -26.73 -4.54 -6.40
C ASN B 69 -25.80 -4.66 -7.59
N ALA B 70 -24.80 -3.78 -7.65
CA ALA B 70 -23.77 -3.82 -8.69
C ALA B 70 -22.87 -5.06 -8.51
N PHE B 71 -22.56 -5.37 -7.25
CA PHE B 71 -21.82 -6.58 -6.90
C PHE B 71 -22.57 -7.85 -7.33
N ASN B 72 -23.90 -7.81 -7.19
CA ASN B 72 -24.75 -8.94 -7.55
C ASN B 72 -24.76 -9.22 -9.05
N ASP B 73 -24.66 -8.15 -9.84
CA ASP B 73 -24.50 -8.27 -11.29
C ASP B 73 -23.24 -9.05 -11.63
N GLY B 74 -22.17 -8.81 -10.86
CA GLY B 74 -20.88 -9.46 -11.05
C GLY B 74 -20.97 -10.97 -10.99
N LEU B 75 -21.73 -11.47 -10.01
CA LEU B 75 -21.91 -12.91 -9.79
C LEU B 75 -22.62 -13.59 -10.96
N LYS B 76 -23.58 -12.88 -11.54
CA LYS B 76 -24.33 -13.37 -12.70
C LYS B 76 -23.49 -13.38 -13.97
N HIS B 77 -22.58 -12.41 -14.08
CA HIS B 77 -21.78 -12.23 -15.29
C HIS B 77 -20.27 -12.25 -15.01
N LEU B 78 -19.83 -13.29 -14.29
CA LEU B 78 -18.41 -13.47 -13.97
C LEU B 78 -17.54 -13.67 -15.20
N ASP B 79 -18.19 -14.02 -16.31
CA ASP B 79 -17.52 -14.26 -17.59
C ASP B 79 -16.98 -12.97 -18.21
N ASN B 80 -17.75 -11.90 -18.10
CA ASN B 80 -17.36 -10.58 -18.62
C ASN B 80 -17.50 -9.48 -17.56
N LEU B 81 -16.66 -9.55 -16.54
CA LEU B 81 -16.70 -8.62 -15.41
C LEU B 81 -16.28 -7.21 -15.81
N LYS B 82 -15.27 -7.13 -16.67
CA LYS B 82 -14.72 -5.88 -17.19
C LYS B 82 -15.76 -5.08 -17.99
N GLY B 83 -16.65 -5.79 -18.68
CA GLY B 83 -17.73 -5.18 -19.46
C GLY B 83 -18.95 -4.83 -18.64
N THR B 84 -19.23 -5.65 -17.61
CA THR B 84 -20.35 -5.38 -16.70
C THR B 84 -20.10 -4.11 -15.89
N PHE B 85 -18.87 -3.94 -15.40
CA PHE B 85 -18.49 -2.77 -14.61
C PHE B 85 -17.86 -1.66 -15.47
N ALA B 86 -18.33 -1.54 -16.70
CA ALA B 86 -17.81 -0.56 -17.65
C ALA B 86 -18.10 0.88 -17.22
N HIS B 87 -19.38 1.19 -17.03
CA HIS B 87 -19.84 2.54 -16.68
C HIS B 87 -19.32 3.00 -15.32
N LEU B 88 -19.30 2.08 -14.35
CA LEU B 88 -18.88 2.39 -12.99
C LEU B 88 -17.37 2.65 -12.88
N SER B 89 -16.60 1.98 -13.75
CA SER B 89 -15.16 2.18 -13.83
C SER B 89 -14.85 3.61 -14.24
N GLU B 90 -15.56 4.10 -15.27
CA GLU B 90 -15.46 5.47 -15.73
C GLU B 90 -15.86 6.47 -14.63
N LEU B 91 -16.94 6.14 -13.91
CA LEU B 91 -17.51 7.02 -12.88
C LEU B 91 -16.55 7.28 -11.72
N HIS B 92 -15.95 6.21 -11.19
CA HIS B 92 -15.07 6.30 -10.04
C HIS B 92 -13.71 6.90 -10.35
N CYS B 93 -13.20 6.63 -11.55
CA CYS B 93 -11.85 7.02 -11.92
C CYS B 93 -11.75 8.41 -12.57
N ASP B 94 -12.80 8.81 -13.30
CA ASP B 94 -12.79 10.10 -14.01
C ASP B 94 -13.57 11.21 -13.32
N LYS B 95 -14.79 10.91 -12.89
CA LYS B 95 -15.65 11.91 -12.25
C LYS B 95 -15.32 12.04 -10.77
N LEU B 96 -15.08 10.91 -10.10
CA LEU B 96 -14.92 10.88 -8.65
C LEU B 96 -13.46 10.87 -8.18
N HIS B 97 -12.56 10.46 -9.08
CA HIS B 97 -11.12 10.41 -8.82
C HIS B 97 -10.76 9.58 -7.57
N VAL B 98 -11.32 8.37 -7.50
CA VAL B 98 -11.09 7.47 -6.37
C VAL B 98 -9.90 6.57 -6.65
N ASP B 99 -8.94 6.55 -5.74
CA ASP B 99 -7.75 5.72 -5.89
C ASP B 99 -8.08 4.23 -5.81
N PRO B 100 -7.63 3.44 -6.82
CA PRO B 100 -7.93 2.01 -6.98
C PRO B 100 -7.73 1.12 -5.74
N GLU B 101 -6.75 1.47 -4.91
CA GLU B 101 -6.47 0.76 -3.67
C GLU B 101 -7.69 0.74 -2.73
N ASN B 102 -8.52 1.77 -2.82
CA ASN B 102 -9.77 1.83 -2.04
C ASN B 102 -10.81 0.78 -2.44
N PHE B 103 -10.72 0.29 -3.68
CA PHE B 103 -11.64 -0.77 -4.16
C PHE B 103 -11.41 -2.09 -3.44
N ARG B 104 -10.13 -2.48 -3.29
CA ARG B 104 -9.80 -3.72 -2.59
C ARG B 104 -10.08 -3.63 -1.09
N LEU B 105 -10.13 -2.41 -0.56
CA LEU B 105 -10.49 -2.18 0.84
C LEU B 105 -11.98 -2.48 1.09
N LEU B 106 -12.85 -1.95 0.24
CA LEU B 106 -14.28 -2.22 0.33
C LEU B 106 -14.59 -3.70 0.11
N GLY B 107 -13.82 -4.34 -0.79
CA GLY B 107 -13.92 -5.77 -1.04
C GLY B 107 -13.67 -6.57 0.24
N ASN B 108 -12.57 -6.26 0.90
CA ASN B 108 -12.24 -6.87 2.20
C ASN B 108 -13.34 -6.67 3.25
N MET B 109 -13.95 -5.49 3.27
CA MET B 109 -15.08 -5.21 4.16
C MET B 109 -16.26 -6.13 3.87
N ILE B 110 -16.53 -6.37 2.59
CA ILE B 110 -17.59 -7.29 2.19
C ILE B 110 -17.28 -8.70 2.72
N VAL B 111 -16.04 -9.13 2.51
CA VAL B 111 -15.57 -10.45 2.94
C VAL B 111 -15.77 -10.70 4.44
N ILE B 112 -15.30 -9.78 5.28
CA ILE B 112 -15.37 -9.98 6.72
C ILE B 112 -16.80 -9.89 7.27
N VAL B 113 -17.65 -9.12 6.60
CA VAL B 113 -19.05 -8.97 7.01
C VAL B 113 -19.80 -10.29 6.78
N LEU B 114 -19.54 -10.93 5.64
CA LEU B 114 -20.03 -12.27 5.39
C LEU B 114 -19.66 -13.20 6.55
N GLY B 115 -18.39 -13.18 6.93
CA GLY B 115 -17.88 -13.93 8.09
C GLY B 115 -18.57 -13.55 9.39
N HIS B 116 -18.80 -12.25 9.57
CA HIS B 116 -19.50 -11.71 10.73
C HIS B 116 -20.92 -12.27 10.80
N HIS B 117 -21.55 -12.39 9.64
CA HIS B 117 -22.95 -12.79 9.53
C HIS B 117 -23.16 -14.30 9.49
N LEU B 118 -22.11 -15.04 9.17
CA LEU B 118 -22.22 -16.50 8.93
C LEU B 118 -21.48 -17.37 9.95
N GLY B 119 -20.45 -16.81 10.60
CA GLY B 119 -19.65 -17.55 11.55
C GLY B 119 -18.95 -18.76 10.96
N LYS B 120 -19.06 -19.89 11.65
CA LYS B 120 -18.39 -21.15 11.29
C LYS B 120 -18.70 -21.67 9.87
N GLU B 121 -19.79 -21.18 9.28
CA GLU B 121 -20.14 -21.56 7.91
C GLU B 121 -19.26 -20.88 6.87
N PHE B 122 -18.73 -19.71 7.22
CA PHE B 122 -17.78 -19.00 6.35
C PHE B 122 -16.39 -19.63 6.47
N THR B 123 -16.29 -20.85 5.96
CA THR B 123 -15.08 -21.69 6.04
C THR B 123 -13.94 -21.09 5.23
N PRO B 124 -12.68 -21.42 5.59
CA PRO B 124 -11.50 -21.05 4.79
C PRO B 124 -11.67 -21.24 3.28
N CYS B 125 -12.30 -22.34 2.86
CA CYS B 125 -12.54 -22.62 1.44
C CYS B 125 -13.53 -21.62 0.84
N ALA B 126 -14.53 -21.26 1.64
CA ALA B 126 -15.57 -20.34 1.22
C ALA B 126 -15.06 -18.91 1.17
N GLN B 127 -14.05 -18.61 1.99
CA GLN B 127 -13.41 -17.31 1.95
C GLN B 127 -12.61 -17.14 0.66
N ALA B 128 -11.83 -18.17 0.31
CA ALA B 128 -11.01 -18.18 -0.89
C ALA B 128 -11.84 -17.90 -2.14
N ALA B 129 -13.02 -18.53 -2.20
CA ALA B 129 -13.91 -18.38 -3.35
C ALA B 129 -14.47 -16.97 -3.44
N PHE B 130 -14.79 -16.39 -2.28
CA PHE B 130 -15.28 -15.01 -2.22
C PHE B 130 -14.16 -13.99 -2.40
N GLN B 131 -12.94 -14.38 -2.03
CA GLN B 131 -11.76 -13.53 -2.22
C GLN B 131 -11.40 -13.39 -3.69
N LYS B 132 -11.55 -14.49 -4.43
CA LYS B 132 -11.35 -14.48 -5.88
C LYS B 132 -12.33 -13.55 -6.58
N VAL B 133 -13.55 -13.49 -6.05
CA VAL B 133 -14.59 -12.61 -6.58
C VAL B 133 -14.30 -11.13 -6.34
N VAL B 134 -14.12 -10.74 -5.06
CA VAL B 134 -13.90 -9.33 -4.70
C VAL B 134 -12.65 -8.70 -5.32
N ALA B 135 -11.60 -9.50 -5.49
CA ALA B 135 -10.38 -9.05 -6.15
C ALA B 135 -10.62 -8.82 -7.65
N GLY B 136 -11.47 -9.66 -8.24
CA GLY B 136 -11.88 -9.51 -9.64
C GLY B 136 -12.73 -8.27 -9.86
N VAL B 137 -13.65 -8.01 -8.93
CA VAL B 137 -14.52 -6.82 -8.98
C VAL B 137 -13.71 -5.53 -8.78
N ALA B 138 -12.69 -5.60 -7.92
CA ALA B 138 -11.78 -4.48 -7.70
C ALA B 138 -10.97 -4.14 -8.95
N SER B 139 -10.40 -5.17 -9.58
CA SER B 139 -9.59 -4.98 -10.79
C SER B 139 -10.43 -4.79 -12.05
N ALA B 140 -11.75 -4.71 -11.89
CA ALA B 140 -12.66 -4.42 -13.01
C ALA B 140 -13.10 -2.96 -12.98
N LEU B 141 -13.06 -2.36 -11.80
CA LEU B 141 -13.44 -0.95 -11.62
C LEU B 141 -12.25 -0.01 -11.76
N ALA B 142 -11.11 -0.46 -11.26
CA ALA B 142 -9.87 0.31 -11.34
C ALA B 142 -9.43 0.46 -12.79
N HIS B 143 -9.47 -0.67 -13.50
CA HIS B 143 -8.64 -0.96 -14.68
C HIS B 143 -8.49 0.07 -15.83
N LYS B 144 -8.64 1.37 -15.59
CA LYS B 144 -8.00 2.24 -16.52
C LYS B 144 -6.46 2.08 -16.81
N TYR B 145 -5.61 2.84 -16.11
CA TYR B 145 -6.03 3.88 -15.18
C TYR B 145 -5.15 5.12 -15.40
N VAL C 1 10.32 2.39 11.15
CA VAL C 1 10.69 2.43 12.58
C VAL C 1 11.94 3.28 12.84
N LEU C 2 12.87 3.27 11.88
CA LEU C 2 14.11 4.07 11.90
C LEU C 2 15.17 3.57 12.91
N SER C 3 16.35 3.25 12.40
CA SER C 3 17.48 2.81 13.21
C SER C 3 18.37 3.99 13.60
N ALA C 4 19.49 3.70 14.27
CA ALA C 4 20.48 4.72 14.65
C ALA C 4 21.11 5.37 13.41
N ASP C 5 21.39 4.55 12.40
CA ASP C 5 21.91 5.05 11.13
C ASP C 5 20.89 5.89 10.37
N ASP C 6 19.61 5.54 10.49
CA ASP C 6 18.54 6.32 9.90
C ASP C 6 18.45 7.68 10.58
N LYS C 7 18.50 7.66 11.92
CA LYS C 7 18.54 8.88 12.74
C LYS C 7 19.71 9.80 12.35
N THR C 8 20.91 9.22 12.25
CA THR C 8 22.11 9.99 11.87
C THR C 8 21.96 10.60 10.47
N ASN C 9 21.47 9.81 9.52
CA ASN C 9 21.33 10.23 8.12
C ASN C 9 20.30 11.32 7.87
N ILE C 10 19.20 11.31 8.63
CA ILE C 10 18.16 12.34 8.51
C ILE C 10 18.66 13.68 9.05
N LYS C 11 19.38 13.64 10.17
CA LYS C 11 20.05 14.82 10.71
C LYS C 11 21.09 15.38 9.74
N ASN C 12 21.92 14.49 9.17
CA ASN C 12 22.96 14.89 8.23
C ASN C 12 22.44 15.44 6.90
N CYS C 13 21.21 15.08 6.55
CA CYS C 13 20.58 15.57 5.33
C CYS C 13 19.97 16.96 5.52
N TRP C 14 19.21 17.14 6.59
CA TRP C 14 18.60 18.44 6.90
C TRP C 14 19.61 19.49 7.38
N GLY C 15 20.84 19.05 7.65
CA GLY C 15 21.95 19.96 7.85
C GLY C 15 22.42 20.52 6.51
N LYS C 16 22.53 19.64 5.51
CA LYS C 16 22.91 20.02 4.16
C LYS C 16 21.83 20.85 3.47
N ILE C 17 20.56 20.57 3.80
CA ILE C 17 19.42 21.32 3.26
C ILE C 17 19.40 22.73 3.86
N GLY C 18 19.24 22.79 5.19
CA GLY C 18 19.23 24.06 5.93
C GLY C 18 18.19 25.05 5.44
N GLY C 19 18.67 26.07 4.73
CA GLY C 19 17.82 27.15 4.23
C GLY C 19 17.31 26.95 2.82
N HIS C 20 17.90 25.99 2.11
CA HIS C 20 17.42 25.62 0.77
C HIS C 20 16.08 24.87 0.83
N GLY C 21 15.57 24.68 2.05
CA GLY C 21 14.37 23.90 2.33
C GLY C 21 13.11 24.26 1.56
N GLY C 22 12.60 25.46 1.82
CA GLY C 22 11.37 25.94 1.17
C GLY C 22 11.42 25.87 -0.35
N GLU C 23 12.60 26.16 -0.89
CA GLU C 23 12.87 26.06 -2.32
C GLU C 23 12.57 24.65 -2.86
N TYR C 24 12.95 23.62 -2.09
CA TYR C 24 12.75 22.23 -2.49
C TYR C 24 11.31 21.76 -2.24
N GLY C 25 10.74 22.21 -1.13
CA GLY C 25 9.34 21.91 -0.80
C GLY C 25 8.38 22.45 -1.85
N GLU C 26 8.69 23.64 -2.35
CA GLU C 26 7.92 24.28 -3.43
C GLU C 26 8.00 23.43 -4.70
N GLU C 27 9.21 22.99 -5.04
CA GLU C 27 9.47 22.18 -6.23
C GLU C 27 8.80 20.81 -6.12
N ALA C 28 8.78 20.25 -4.90
CA ALA C 28 8.12 18.98 -4.63
C ALA C 28 6.62 19.06 -4.90
N LEU C 29 5.98 20.09 -4.36
CA LEU C 29 4.56 20.35 -4.58
C LEU C 29 4.27 20.55 -6.07
N GLN C 30 5.14 21.34 -6.71
CA GLN C 30 5.03 21.62 -8.14
C GLN C 30 5.19 20.36 -8.99
N ARG C 31 6.06 19.45 -8.54
CA ARG C 31 6.21 18.15 -9.18
C ARG C 31 4.97 17.27 -8.98
N MET C 32 4.41 17.31 -7.78
CA MET C 32 3.20 16.56 -7.43
C MET C 32 1.97 16.98 -8.25
N PHE C 33 1.76 18.30 -8.39
CA PHE C 33 0.63 18.80 -9.16
C PHE C 33 0.71 18.39 -10.63
N ALA C 34 1.93 18.35 -11.16
CA ALA C 34 2.18 18.03 -12.56
C ALA C 34 2.16 16.52 -12.84
N ALA C 35 2.83 15.74 -12.01
CA ALA C 35 2.92 14.30 -12.20
C ALA C 35 1.67 13.55 -11.69
N PHE C 36 0.98 14.13 -10.71
CA PHE C 36 -0.21 13.51 -10.14
C PHE C 36 -1.35 14.51 -9.99
N PRO C 37 -2.02 14.87 -11.11
CA PRO C 37 -3.00 15.96 -11.16
C PRO C 37 -4.17 15.76 -10.19
N THR C 38 -4.44 14.49 -9.84
CA THR C 38 -5.39 14.13 -8.79
C THR C 38 -5.24 14.98 -7.52
N THR C 39 -4.01 15.31 -7.16
CA THR C 39 -3.71 16.00 -5.90
C THR C 39 -4.18 17.46 -5.89
N LYS C 40 -4.44 18.01 -7.07
CA LYS C 40 -4.92 19.39 -7.19
C LYS C 40 -6.31 19.59 -6.57
N THR C 41 -7.04 18.49 -6.39
CA THR C 41 -8.35 18.48 -5.71
C THR C 41 -8.30 19.15 -4.33
N TYR C 42 -7.23 18.85 -3.60
CA TYR C 42 -7.07 19.30 -2.22
C TYR C 42 -6.64 20.77 -2.11
N PHE C 43 -6.28 21.36 -3.24
CA PHE C 43 -5.83 22.75 -3.27
C PHE C 43 -6.66 23.62 -4.21
N SER C 44 -7.96 23.33 -4.28
CA SER C 44 -8.91 24.09 -5.10
C SER C 44 -8.94 25.58 -4.78
N HIS C 45 -8.65 25.91 -3.52
CA HIS C 45 -8.84 27.26 -2.99
C HIS C 45 -7.63 28.19 -3.18
N ILE C 46 -6.54 27.66 -3.72
CA ILE C 46 -5.34 28.46 -4.00
C ILE C 46 -4.94 28.37 -5.48
N ASP C 47 -4.20 29.37 -5.94
CA ASP C 47 -3.61 29.36 -7.27
C ASP C 47 -2.47 28.34 -7.31
N VAL C 48 -2.55 27.43 -8.28
CA VAL C 48 -1.63 26.29 -8.35
C VAL C 48 -0.71 26.37 -9.59
N SER C 49 -0.88 27.43 -10.39
CA SER C 49 -0.05 27.69 -11.57
C SER C 49 1.44 27.56 -11.25
N PRO C 50 2.21 26.90 -12.15
CA PRO C 50 3.64 26.69 -11.93
C PRO C 50 4.31 27.80 -11.11
N GLY C 51 4.41 29.00 -11.66
CA GLY C 51 4.88 30.14 -10.89
C GLY C 51 3.73 30.68 -10.05
N SER C 52 3.80 30.46 -8.74
CA SER C 52 2.73 30.90 -7.83
C SER C 52 3.24 31.15 -6.43
N ALA C 53 3.06 32.39 -5.96
CA ALA C 53 3.54 32.81 -4.65
C ALA C 53 2.90 31.99 -3.53
N GLN C 54 1.64 31.58 -3.74
CA GLN C 54 0.91 30.80 -2.76
C GLN C 54 1.45 29.38 -2.62
N VAL C 55 1.91 28.81 -3.72
CA VAL C 55 2.59 27.51 -3.72
C VAL C 55 3.99 27.65 -3.11
N LYS C 56 4.65 28.76 -3.42
CA LYS C 56 5.98 29.10 -2.91
C LYS C 56 5.96 29.23 -1.39
N ALA C 57 4.92 29.88 -0.87
CA ALA C 57 4.74 30.08 0.58
C ALA C 57 4.37 28.77 1.28
N HIS C 58 3.51 27.98 0.64
CA HIS C 58 3.10 26.68 1.20
C HIS C 58 4.26 25.68 1.23
N GLY C 59 5.18 25.80 0.28
CA GLY C 59 6.39 24.98 0.26
C GLY C 59 7.27 25.23 1.47
N LYS C 60 7.35 26.50 1.87
CA LYS C 60 8.16 26.90 3.03
C LYS C 60 7.55 26.41 4.35
N LYS C 61 6.21 26.35 4.40
CA LYS C 61 5.49 25.79 5.55
C LYS C 61 5.72 24.27 5.67
N VAL C 62 5.75 23.58 4.53
CA VAL C 62 6.01 22.13 4.50
C VAL C 62 7.45 21.80 4.88
N ALA C 63 8.40 22.61 4.41
CA ALA C 63 9.82 22.39 4.67
C ALA C 63 10.18 22.52 6.15
N ASP C 64 9.57 23.49 6.82
CA ASP C 64 9.79 23.71 8.26
C ASP C 64 9.22 22.58 9.09
N ALA C 65 8.10 22.02 8.61
CA ALA C 65 7.46 20.88 9.26
C ALA C 65 8.35 19.64 9.20
N LEU C 66 9.01 19.44 8.05
CA LEU C 66 9.96 18.35 7.86
C LEU C 66 11.23 18.57 8.68
N ALA C 67 11.64 19.83 8.80
CA ALA C 67 12.79 20.20 9.62
C ALA C 67 12.50 19.94 11.11
N LYS C 68 11.28 20.28 11.54
CA LYS C 68 10.82 20.03 12.91
C LYS C 68 10.74 18.54 13.19
N ALA C 69 10.24 17.78 12.21
CA ALA C 69 10.14 16.33 12.32
C ALA C 69 11.52 15.68 12.42
N ALA C 70 12.51 16.29 11.76
CA ALA C 70 13.90 15.82 11.81
C ALA C 70 14.52 16.06 13.19
N ASP C 71 14.14 17.15 13.85
CA ASP C 71 14.58 17.45 15.20
C ASP C 71 14.02 16.44 16.21
N HIS C 72 12.74 16.13 16.06
CA HIS C 72 12.04 15.25 16.98
C HIS C 72 11.74 13.89 16.35
N VAL C 73 12.75 13.29 15.73
CA VAL C 73 12.62 11.97 15.10
C VAL C 73 12.17 10.93 16.12
N GLU C 74 12.70 11.04 17.33
CA GLU C 74 12.41 10.09 18.41
C GLU C 74 10.97 10.19 18.92
N ASP C 75 10.36 11.38 18.80
CA ASP C 75 8.94 11.54 19.13
C ASP C 75 8.17 12.29 18.03
N LEU C 76 7.85 11.58 16.96
CA LEU C 76 7.14 12.17 15.82
C LEU C 76 5.66 12.50 16.08
N PRO C 77 4.91 11.57 16.74
CA PRO C 77 3.52 11.89 17.08
C PRO C 77 3.36 13.12 17.97
N GLY C 78 4.36 13.37 18.82
CA GLY C 78 4.35 14.52 19.71
C GLY C 78 4.48 15.84 18.97
N ALA C 79 5.53 15.94 18.17
CA ALA C 79 5.89 17.18 17.47
C ALA C 79 4.90 17.62 16.40
N LEU C 80 4.17 16.66 15.82
CA LEU C 80 3.38 16.92 14.64
C LEU C 80 1.86 16.76 14.82
N SER C 81 1.42 16.54 16.06
CA SER C 81 0.00 16.26 16.33
C SER C 81 -0.96 17.34 15.82
N THR C 82 -0.48 18.58 15.74
CA THR C 82 -1.26 19.70 15.23
C THR C 82 -1.51 19.55 13.72
N LEU C 83 -0.52 18.98 13.02
CA LEU C 83 -0.62 18.72 11.59
C LEU C 83 -1.39 17.44 11.31
N SER C 84 -1.36 16.51 12.26
CA SER C 84 -2.12 15.26 12.14
C SER C 84 -3.63 15.48 12.23
N ASP C 85 -4.03 16.46 13.04
CA ASP C 85 -5.44 16.84 13.16
C ASP C 85 -5.92 17.54 11.88
N LEU C 86 -5.05 18.35 11.29
CA LEU C 86 -5.35 19.03 10.04
C LEU C 86 -5.58 18.01 8.92
N HIS C 87 -4.61 17.10 8.75
CA HIS C 87 -4.60 16.17 7.61
C HIS C 87 -5.53 14.97 7.77
N ALA C 88 -5.67 14.47 8.99
CA ALA C 88 -6.48 13.27 9.25
C ALA C 88 -7.91 13.54 9.70
N HIS C 89 -8.09 14.46 10.66
CA HIS C 89 -9.42 14.82 11.17
C HIS C 89 -10.16 15.77 10.22
N LYS C 90 -9.48 16.85 9.83
CA LYS C 90 -10.12 17.94 9.11
C LYS C 90 -10.18 17.71 7.59
N LEU C 91 -9.02 17.53 6.96
CA LEU C 91 -8.93 17.37 5.51
C LEU C 91 -9.24 15.94 5.03
N ARG C 92 -9.04 14.96 5.91
CA ARG C 92 -9.18 13.53 5.59
C ARG C 92 -8.52 13.15 4.25
N VAL C 93 -7.23 13.43 4.14
CA VAL C 93 -6.48 13.19 2.91
C VAL C 93 -6.27 11.69 2.68
N ASP C 94 -6.42 11.27 1.42
CA ASP C 94 -6.15 9.89 1.05
C ASP C 94 -4.65 9.62 1.18
N PRO C 95 -4.27 8.53 1.88
CA PRO C 95 -2.88 8.19 2.18
C PRO C 95 -1.98 8.05 0.96
N VAL C 96 -2.57 7.78 -0.20
CA VAL C 96 -1.81 7.62 -1.44
C VAL C 96 -1.17 8.93 -1.90
N ASN C 97 -1.81 10.05 -1.55
CA ASN C 97 -1.29 11.37 -1.88
C ASN C 97 0.02 11.66 -1.13
N PHE C 98 0.16 11.04 0.04
CA PHE C 98 1.40 11.16 0.84
C PHE C 98 2.57 10.42 0.22
N LYS C 99 2.28 9.26 -0.38
CA LYS C 99 3.27 8.54 -1.18
C LYS C 99 3.69 9.37 -2.39
N PHE C 100 2.71 9.97 -3.06
CA PHE C 100 2.95 10.84 -4.21
C PHE C 100 3.90 11.97 -3.87
N LEU C 101 3.62 12.69 -2.77
CA LEU C 101 4.43 13.83 -2.35
C LEU C 101 5.80 13.39 -1.84
N SER C 102 5.84 12.30 -1.08
CA SER C 102 7.10 11.73 -0.58
C SER C 102 8.06 11.42 -1.72
N HIS C 103 7.52 10.83 -2.79
CA HIS C 103 8.30 10.47 -3.97
C HIS C 103 8.79 11.71 -4.71
N CYS C 104 7.92 12.69 -4.89
CA CYS C 104 8.27 13.93 -5.60
C CYS C 104 9.33 14.71 -4.86
N LEU C 105 9.35 14.55 -3.54
CA LEU C 105 10.35 15.17 -2.69
C LEU C 105 11.70 14.46 -2.85
N LEU C 106 11.67 13.13 -2.92
CA LEU C 106 12.88 12.33 -3.12
C LEU C 106 13.47 12.52 -4.52
N VAL C 107 12.62 12.83 -5.49
CA VAL C 107 13.06 13.19 -6.83
C VAL C 107 13.78 14.53 -6.80
N THR C 108 13.21 15.47 -6.03
CA THR C 108 13.75 16.83 -5.90
C THR C 108 15.17 16.82 -5.32
N LEU C 109 15.33 16.19 -4.16
CA LEU C 109 16.65 16.04 -3.52
C LEU C 109 17.71 15.41 -4.43
N ALA C 110 17.32 14.38 -5.18
CA ALA C 110 18.20 13.73 -6.16
C ALA C 110 18.65 14.65 -7.30
N CYS C 111 17.83 15.67 -7.61
CA CYS C 111 18.17 16.64 -8.64
C CYS C 111 19.14 17.73 -8.14
N HIS C 112 19.12 17.99 -6.84
CA HIS C 112 19.90 19.09 -6.26
C HIS C 112 21.10 18.66 -5.41
N HIS C 113 21.00 17.49 -4.79
CA HIS C 113 22.08 16.95 -3.96
C HIS C 113 22.46 15.52 -4.36
N PRO C 114 22.92 15.33 -5.63
CA PRO C 114 23.18 13.98 -6.14
C PRO C 114 24.45 13.35 -5.59
N GLY C 115 25.33 14.15 -5.01
CA GLY C 115 26.52 13.63 -4.32
C GLY C 115 26.14 13.01 -2.99
N ASP C 116 25.18 13.64 -2.30
CA ASP C 116 24.72 13.19 -0.98
C ASP C 116 23.65 12.10 -1.09
N PHE C 117 22.91 12.10 -2.19
CA PHE C 117 21.81 11.14 -2.38
C PHE C 117 22.35 9.76 -2.76
N THR C 118 22.92 9.08 -1.79
CA THR C 118 23.44 7.72 -1.95
C THR C 118 22.31 6.73 -1.66
N PRO C 119 22.41 5.50 -2.19
CA PRO C 119 21.40 4.48 -1.91
C PRO C 119 21.06 4.35 -0.42
N ALA C 120 22.07 4.44 0.44
CA ALA C 120 21.88 4.35 1.89
C ALA C 120 21.14 5.55 2.47
N MET C 121 21.39 6.72 1.91
CA MET C 121 20.69 7.96 2.29
C MET C 121 19.22 7.90 1.85
N HIS C 122 19.03 7.61 0.56
CA HIS C 122 17.72 7.34 -0.05
C HIS C 122 16.84 6.49 0.87
N ALA C 123 17.36 5.34 1.29
CA ALA C 123 16.65 4.44 2.21
C ALA C 123 16.22 5.16 3.48
N SER C 124 17.17 5.80 4.16
CA SER C 124 16.91 6.52 5.40
C SER C 124 15.86 7.62 5.23
N LEU C 125 15.92 8.32 4.11
CA LEU C 125 14.96 9.37 3.79
C LEU C 125 13.57 8.82 3.48
N ASP C 126 13.51 7.66 2.85
CA ASP C 126 12.24 7.05 2.45
C ASP C 126 11.47 6.50 3.66
N LYS C 127 12.18 5.88 4.60
CA LYS C 127 11.59 5.42 5.85
C LYS C 127 11.06 6.61 6.67
N PHE C 128 11.85 7.68 6.70
CA PHE C 128 11.48 8.93 7.37
C PHE C 128 10.14 9.44 6.87
N LEU C 129 10.06 9.70 5.56
CA LEU C 129 8.85 10.22 4.94
C LEU C 129 7.65 9.28 5.10
N ALA C 130 7.92 7.98 5.17
CA ALA C 130 6.89 6.97 5.39
C ALA C 130 6.29 7.07 6.80
N SER C 131 7.14 7.19 7.81
CA SER C 131 6.70 7.30 9.20
C SER C 131 6.12 8.68 9.52
N VAL C 132 6.60 9.71 8.82
CA VAL C 132 5.99 11.04 8.90
C VAL C 132 4.59 10.97 8.27
N SER C 133 4.48 10.27 7.14
CA SER C 133 3.19 10.03 6.46
C SER C 133 2.22 9.26 7.33
N THR C 134 2.73 8.25 8.04
CA THR C 134 1.92 7.39 8.90
C THR C 134 1.24 8.20 10.01
N VAL C 135 2.00 9.06 10.68
CA VAL C 135 1.47 9.91 11.75
C VAL C 135 0.40 10.87 11.20
N LEU C 136 0.70 11.47 10.06
CA LEU C 136 -0.17 12.49 9.45
C LEU C 136 -1.51 11.95 8.94
N THR C 137 -1.52 10.72 8.41
CA THR C 137 -2.75 10.09 7.91
C THR C 137 -3.52 9.36 9.00
N SER C 138 -3.13 9.52 10.27
CA SER C 138 -3.51 8.50 11.21
C SER C 138 -4.48 8.52 12.41
N LYS C 139 -4.78 9.73 12.90
CA LYS C 139 -5.94 9.96 13.78
C LYS C 139 -5.86 9.27 15.14
N TYR C 140 -5.44 10.00 16.16
CA TYR C 140 -5.16 9.40 17.48
C TYR C 140 -5.46 10.31 18.67
N ARG C 141 -6.46 11.16 18.53
CA ARG C 141 -6.84 12.06 19.61
C ARG C 141 -8.33 12.42 19.54
N VAL D 1 -1.96 4.66 -22.30
CA VAL D 1 -1.09 5.88 -22.24
C VAL D 1 -1.60 7.00 -23.15
N HIS D 2 -1.70 8.20 -22.59
CA HIS D 2 -2.13 9.38 -23.34
C HIS D 2 -1.01 9.83 -24.28
N LEU D 3 -0.06 10.59 -23.71
CA LEU D 3 1.09 11.16 -24.41
C LEU D 3 0.76 12.05 -25.61
N THR D 4 0.96 13.36 -25.43
CA THR D 4 0.88 14.33 -26.50
C THR D 4 2.24 14.47 -27.18
N ASP D 5 2.30 15.21 -28.27
CA ASP D 5 3.53 15.33 -29.07
C ASP D 5 4.69 16.01 -28.33
N ALA D 6 4.37 17.03 -27.54
CA ALA D 6 5.37 17.69 -26.69
C ALA D 6 5.79 16.76 -25.55
N GLU D 7 4.85 15.93 -25.13
CA GLU D 7 5.09 14.91 -24.10
C GLU D 7 5.92 13.76 -24.67
N LYS D 8 5.87 13.57 -25.99
CA LYS D 8 6.70 12.58 -26.69
C LYS D 8 8.13 13.07 -26.85
N ALA D 9 8.26 14.32 -27.30
CA ALA D 9 9.57 14.94 -27.55
C ALA D 9 10.36 15.17 -26.26
N ALA D 10 9.66 15.23 -25.13
CA ALA D 10 10.28 15.36 -23.83
C ALA D 10 10.88 14.03 -23.36
N VAL D 11 10.20 12.93 -23.68
CA VAL D 11 10.64 11.59 -23.28
C VAL D 11 11.82 11.07 -24.09
N ASN D 12 11.72 11.13 -25.41
CA ASN D 12 12.78 10.61 -26.30
C ASN D 12 14.06 11.45 -26.33
N GLY D 13 13.93 12.73 -26.00
CA GLY D 13 15.06 13.66 -25.96
C GLY D 13 15.97 13.46 -24.76
N LEU D 14 15.37 13.41 -23.57
CA LEU D 14 16.12 13.25 -22.32
C LEU D 14 16.67 11.83 -22.14
N TRP D 15 15.92 10.85 -22.63
CA TRP D 15 16.36 9.46 -22.68
C TRP D 15 17.61 9.33 -23.54
N GLY D 16 17.67 10.13 -24.61
CA GLY D 16 18.80 10.14 -25.53
C GLY D 16 20.12 10.62 -24.93
N LYS D 17 20.05 11.46 -23.90
CA LYS D 17 21.27 11.94 -23.23
C LYS D 17 21.51 11.30 -21.86
N VAL D 18 21.01 10.07 -21.69
CA VAL D 18 21.42 9.22 -20.56
C VAL D 18 21.86 7.86 -21.07
N ASN D 19 22.60 7.12 -20.25
CA ASN D 19 23.02 5.77 -20.56
C ASN D 19 22.05 4.78 -19.92
N PRO D 20 21.20 4.13 -20.73
CA PRO D 20 20.16 3.22 -20.25
C PRO D 20 20.70 2.08 -19.37
N ASP D 21 21.89 1.60 -19.69
CA ASP D 21 22.53 0.53 -18.92
C ASP D 21 22.79 0.97 -17.49
N ASP D 22 23.33 2.18 -17.33
CA ASP D 22 23.63 2.74 -16.02
C ASP D 22 22.37 3.10 -15.23
N VAL D 23 21.34 3.54 -15.95
CA VAL D 23 20.05 3.86 -15.34
C VAL D 23 19.37 2.60 -14.80
N GLY D 24 19.42 1.53 -15.58
CA GLY D 24 18.83 0.24 -15.18
C GLY D 24 19.53 -0.38 -13.99
N GLY D 25 20.86 -0.36 -14.00
CA GLY D 25 21.68 -0.95 -12.95
C GLY D 25 21.45 -0.29 -11.59
N GLU D 26 21.50 1.03 -11.58
CA GLU D 26 21.31 1.81 -10.36
C GLU D 26 19.89 1.71 -9.81
N ALA D 27 18.90 1.71 -10.71
CA ALA D 27 17.49 1.60 -10.31
C ALA D 27 17.23 0.28 -9.58
N LEU D 28 17.75 -0.82 -10.13
CA LEU D 28 17.63 -2.14 -9.51
C LEU D 28 18.37 -2.17 -8.18
N GLY D 29 19.60 -1.66 -8.18
CA GLY D 29 20.39 -1.55 -6.96
C GLY D 29 19.66 -0.78 -5.88
N ARG D 30 19.16 0.39 -6.22
CA ARG D 30 18.41 1.23 -5.28
C ARG D 30 17.15 0.55 -4.75
N LEU D 31 16.44 -0.17 -5.62
CA LEU D 31 15.30 -0.99 -5.21
C LEU D 31 15.69 -2.02 -4.14
N LEU D 32 16.85 -2.65 -4.33
CA LEU D 32 17.36 -3.65 -3.39
C LEU D 32 17.86 -3.04 -2.07
N VAL D 33 18.29 -1.77 -2.09
CA VAL D 33 18.68 -1.07 -0.87
C VAL D 33 17.45 -0.54 -0.11
N VAL D 34 16.63 0.24 -0.80
CA VAL D 34 15.53 0.99 -0.18
C VAL D 34 14.37 0.09 0.27
N TYR D 35 14.13 -0.97 -0.48
CA TYR D 35 13.06 -1.91 -0.19
C TYR D 35 13.63 -3.32 -0.03
N PRO D 36 14.23 -3.60 1.14
CA PRO D 36 15.13 -4.75 1.33
C PRO D 36 14.49 -6.12 1.11
N TRP D 37 13.17 -6.21 1.22
CA TRP D 37 12.47 -7.49 1.08
C TRP D 37 12.51 -8.04 -0.35
N THR D 38 12.80 -7.17 -1.32
CA THR D 38 12.92 -7.55 -2.72
C THR D 38 14.18 -8.37 -2.98
N GLN D 39 15.14 -8.29 -2.05
CA GLN D 39 16.38 -9.07 -2.12
C GLN D 39 16.11 -10.57 -2.21
N ARG D 40 14.98 -10.99 -1.65
CA ARG D 40 14.58 -12.39 -1.63
C ARG D 40 14.24 -12.94 -3.02
N TYR D 41 13.66 -12.08 -3.87
CA TYR D 41 13.31 -12.49 -5.22
C TYR D 41 14.55 -12.75 -6.10
N PHE D 42 15.70 -12.24 -5.66
CA PHE D 42 16.95 -12.40 -6.41
C PHE D 42 17.97 -13.23 -5.61
N ASP D 43 17.64 -14.50 -5.39
CA ASP D 43 18.56 -15.44 -4.75
C ASP D 43 19.72 -15.82 -5.66
N SER D 44 19.44 -15.85 -6.96
CA SER D 44 20.40 -16.23 -8.00
C SER D 44 21.63 -15.33 -8.03
N PHE D 45 21.55 -14.20 -7.33
CA PHE D 45 22.54 -13.13 -7.45
C PHE D 45 23.69 -13.21 -6.45
N GLY D 46 23.71 -14.26 -5.62
CA GLY D 46 24.71 -14.37 -4.58
C GLY D 46 24.35 -13.48 -3.41
N ASP D 47 25.34 -13.16 -2.56
CA ASP D 47 25.07 -12.38 -1.35
C ASP D 47 24.70 -10.94 -1.67
N LEU D 48 23.64 -10.47 -1.00
CA LEU D 48 23.16 -9.11 -1.13
C LEU D 48 23.18 -8.44 0.24
N SER D 49 24.31 -8.62 0.94
CA SER D 49 24.44 -8.31 2.37
C SER D 49 24.39 -6.82 2.74
N SER D 50 24.98 -5.97 1.91
CA SER D 50 25.07 -4.54 2.23
C SER D 50 24.96 -3.63 1.00
N ALA D 51 24.77 -2.34 1.26
CA ALA D 51 24.74 -1.30 0.22
C ALA D 51 26.01 -1.32 -0.64
N SER D 52 27.15 -1.51 0.01
CA SER D 52 28.44 -1.61 -0.69
C SER D 52 28.48 -2.82 -1.61
N ALA D 53 27.94 -3.94 -1.13
CA ALA D 53 27.96 -5.22 -1.85
C ALA D 53 27.02 -5.23 -3.05
N ILE D 54 25.79 -4.79 -2.86
CA ILE D 54 24.75 -4.92 -3.89
C ILE D 54 24.89 -3.92 -5.05
N MET D 55 25.77 -2.94 -4.89
CA MET D 55 26.02 -1.96 -5.94
C MET D 55 27.19 -2.39 -6.83
N GLY D 56 28.19 -3.02 -6.21
CA GLY D 56 29.34 -3.57 -6.94
C GLY D 56 29.05 -4.88 -7.65
N ASN D 57 27.92 -5.51 -7.31
CA ASN D 57 27.51 -6.81 -7.83
C ASN D 57 27.31 -6.80 -9.35
N PRO D 58 28.19 -7.52 -10.09
CA PRO D 58 28.13 -7.54 -11.56
C PRO D 58 26.84 -8.17 -12.10
N LYS D 59 26.24 -9.07 -11.32
CA LYS D 59 25.02 -9.77 -11.72
C LYS D 59 23.78 -8.88 -11.57
N VAL D 60 23.86 -7.87 -10.70
CA VAL D 60 22.84 -6.83 -10.59
C VAL D 60 22.94 -5.87 -11.78
N LYS D 61 24.17 -5.42 -12.07
CA LYS D 61 24.43 -4.54 -13.21
C LYS D 61 23.96 -5.13 -14.53
N ALA D 62 24.23 -6.44 -14.72
CA ALA D 62 23.82 -7.16 -15.91
C ALA D 62 22.30 -7.33 -16.01
N HIS D 63 21.63 -7.52 -14.87
CA HIS D 63 20.18 -7.67 -14.87
C HIS D 63 19.43 -6.35 -15.10
N GLY D 64 20.02 -5.25 -14.61
CA GLY D 64 19.49 -3.91 -14.88
C GLY D 64 19.51 -3.57 -16.36
N LYS D 65 20.44 -4.19 -17.08
CA LYS D 65 20.55 -4.08 -18.53
C LYS D 65 19.37 -4.77 -19.18
N LYS D 66 18.95 -5.90 -18.61
CA LYS D 66 17.85 -6.69 -19.13
C LYS D 66 16.50 -6.01 -18.87
N VAL D 67 16.36 -5.44 -17.68
CA VAL D 67 15.16 -4.71 -17.26
C VAL D 67 14.94 -3.46 -18.12
N ILE D 68 16.04 -2.76 -18.41
CA ILE D 68 15.96 -1.50 -19.16
C ILE D 68 15.76 -1.71 -20.68
N ASN D 69 16.12 -2.88 -21.18
CA ASN D 69 15.85 -3.24 -22.58
C ASN D 69 14.37 -3.47 -22.81
N ALA D 70 13.73 -4.14 -21.86
CA ALA D 70 12.29 -4.36 -21.87
C ALA D 70 11.55 -3.02 -21.80
N PHE D 71 12.00 -2.16 -20.88
CA PHE D 71 11.51 -0.79 -20.75
C PHE D 71 11.65 -0.01 -22.06
N ASN D 72 12.78 -0.20 -22.73
CA ASN D 72 13.06 0.49 -23.99
C ASN D 72 12.10 0.09 -25.11
N ASP D 73 11.75 -1.20 -25.14
CA ASP D 73 10.75 -1.73 -26.08
C ASP D 73 9.38 -1.08 -25.90
N GLY D 74 9.05 -0.73 -24.65
CA GLY D 74 7.81 -0.04 -24.32
C GLY D 74 7.68 1.30 -25.02
N LEU D 75 8.76 2.08 -25.00
CA LEU D 75 8.80 3.39 -25.66
C LEU D 75 8.52 3.30 -27.17
N LYS D 76 8.96 2.19 -27.77
CA LYS D 76 8.78 1.95 -29.21
C LYS D 76 7.37 1.49 -29.55
N HIS D 77 6.68 0.90 -28.57
CA HIS D 77 5.35 0.32 -28.80
C HIS D 77 4.33 0.68 -27.71
N LEU D 78 4.22 1.98 -27.42
CA LEU D 78 3.27 2.49 -26.42
C LEU D 78 1.80 2.24 -26.77
N ASP D 79 1.53 1.97 -28.05
CA ASP D 79 0.21 1.55 -28.50
C ASP D 79 -0.24 0.26 -27.81
N ASN D 80 0.71 -0.65 -27.60
CA ASN D 80 0.40 -1.96 -27.03
C ASN D 80 1.40 -2.43 -25.97
N LEU D 81 1.24 -1.93 -24.75
CA LEU D 81 2.07 -2.35 -23.61
C LEU D 81 1.73 -3.79 -23.22
N LYS D 82 0.43 -4.08 -23.18
CA LYS D 82 -0.09 -5.37 -22.76
C LYS D 82 0.45 -6.53 -23.60
N GLY D 83 0.73 -6.27 -24.87
CA GLY D 83 1.31 -7.26 -25.77
C GLY D 83 2.83 -7.29 -25.75
N THR D 84 3.44 -6.12 -25.58
CA THR D 84 4.89 -5.98 -25.49
C THR D 84 5.44 -6.66 -24.23
N PHE D 85 4.67 -6.66 -23.15
CA PHE D 85 5.12 -7.23 -21.88
C PHE D 85 4.41 -8.53 -21.47
N ALA D 86 3.51 -9.03 -22.33
CA ALA D 86 2.70 -10.22 -22.03
C ALA D 86 3.51 -11.42 -21.56
N HIS D 87 4.65 -11.68 -22.23
CA HIS D 87 5.51 -12.80 -21.88
C HIS D 87 6.14 -12.63 -20.50
N LEU D 88 6.61 -11.42 -20.21
CA LEU D 88 7.23 -11.11 -18.92
C LEU D 88 6.20 -10.98 -17.81
N SER D 89 4.96 -10.67 -18.20
CA SER D 89 3.83 -10.64 -17.27
C SER D 89 3.53 -12.05 -16.78
N GLU D 90 3.71 -13.04 -17.65
CA GLU D 90 3.51 -14.45 -17.31
C GLU D 90 4.64 -14.95 -16.41
N LEU D 91 5.87 -14.52 -16.69
CA LEU D 91 7.06 -14.90 -15.95
C LEU D 91 7.05 -14.38 -14.50
N HIS D 92 6.79 -13.08 -14.35
CA HIS D 92 6.82 -12.43 -13.05
C HIS D 92 5.69 -12.87 -12.12
N CYS D 93 4.55 -13.22 -12.72
CA CYS D 93 3.35 -13.53 -11.94
C CYS D 93 3.13 -15.03 -11.72
N ASP D 94 2.96 -15.79 -12.80
CA ASP D 94 2.67 -17.22 -12.72
C ASP D 94 3.84 -18.05 -12.20
N LYS D 95 5.06 -17.67 -12.59
CA LYS D 95 6.26 -18.44 -12.28
C LYS D 95 6.99 -17.94 -11.03
N LEU D 96 7.06 -16.62 -10.85
CA LEU D 96 7.84 -16.05 -9.75
C LEU D 96 6.98 -15.50 -8.60
N HIS D 97 5.69 -15.30 -8.86
CA HIS D 97 4.73 -14.83 -7.86
C HIS D 97 5.11 -13.49 -7.22
N VAL D 98 5.70 -12.61 -8.03
CA VAL D 98 6.05 -11.26 -7.59
C VAL D 98 4.77 -10.44 -7.49
N ASP D 99 4.57 -9.79 -6.33
CA ASP D 99 3.39 -8.97 -6.12
C ASP D 99 3.48 -7.68 -6.93
N PRO D 100 2.40 -7.35 -7.68
CA PRO D 100 2.29 -6.17 -8.55
C PRO D 100 2.74 -4.85 -7.90
N GLU D 101 2.58 -4.73 -6.57
CA GLU D 101 3.00 -3.54 -5.84
C GLU D 101 4.49 -3.25 -6.03
N ASN D 102 5.28 -4.32 -6.17
CA ASN D 102 6.71 -4.21 -6.44
C ASN D 102 7.02 -3.56 -7.79
N PHE D 103 6.18 -3.82 -8.79
CA PHE D 103 6.39 -3.29 -10.15
C PHE D 103 6.46 -1.76 -10.18
N ARG D 104 5.56 -1.12 -9.44
CA ARG D 104 5.55 0.33 -9.37
C ARG D 104 6.70 0.90 -8.52
N LEU D 105 7.24 0.08 -7.63
CA LEU D 105 8.39 0.48 -6.81
C LEU D 105 9.66 0.61 -7.67
N LEU D 106 9.86 -0.33 -8.58
CA LEU D 106 10.96 -0.25 -9.55
C LEU D 106 10.72 0.90 -10.53
N GLY D 107 9.45 1.17 -10.84
CA GLY D 107 9.05 2.30 -11.66
C GLY D 107 9.48 3.62 -11.06
N ASN D 108 9.22 3.78 -9.76
CA ASN D 108 9.67 4.95 -9.01
C ASN D 108 11.19 5.08 -8.99
N MET D 109 11.87 3.95 -8.79
CA MET D 109 13.33 3.92 -8.75
C MET D 109 13.96 4.41 -10.04
N ILE D 110 13.35 4.04 -11.17
CA ILE D 110 13.79 4.54 -12.49
C ILE D 110 13.65 6.06 -12.56
N VAL D 111 12.49 6.57 -12.17
CA VAL D 111 12.20 8.01 -12.23
C VAL D 111 13.22 8.83 -11.44
N ILE D 112 13.52 8.40 -10.22
CA ILE D 112 14.44 9.16 -9.37
C ILE D 112 15.90 9.08 -9.85
N VAL D 113 16.26 7.95 -10.44
CA VAL D 113 17.60 7.77 -11.03
C VAL D 113 17.80 8.71 -12.23
N LEU D 114 16.74 8.93 -13.00
CA LEU D 114 16.77 9.91 -14.10
C LEU D 114 17.07 11.31 -13.58
N GLY D 115 16.31 11.77 -12.58
CA GLY D 115 16.54 13.05 -11.94
C GLY D 115 17.92 13.15 -11.30
N HIS D 116 18.39 12.02 -10.78
CA HIS D 116 19.72 11.90 -10.20
C HIS D 116 20.82 12.11 -11.27
N HIS D 117 20.51 11.74 -12.50
CA HIS D 117 21.45 11.83 -13.62
C HIS D 117 21.31 13.11 -14.44
N LEU D 118 20.09 13.65 -14.49
CA LEU D 118 19.76 14.77 -15.38
C LEU D 118 19.76 16.13 -14.69
N GLY D 119 19.75 16.13 -13.36
CA GLY D 119 19.78 17.36 -12.58
C GLY D 119 18.56 18.23 -12.83
N LYS D 120 18.81 19.51 -13.12
CA LYS D 120 17.74 20.50 -13.29
C LYS D 120 17.04 20.41 -14.64
N GLU D 121 17.46 19.45 -15.46
CA GLU D 121 16.82 19.21 -16.75
C GLU D 121 15.63 18.28 -16.63
N PHE D 122 15.60 17.50 -15.56
CA PHE D 122 14.44 16.65 -15.25
C PHE D 122 13.38 17.53 -14.62
N THR D 123 12.72 18.30 -15.47
CA THR D 123 11.71 19.29 -15.05
C THR D 123 10.43 18.58 -14.61
N PRO D 124 9.61 19.23 -13.74
CA PRO D 124 8.29 18.70 -13.36
C PRO D 124 7.50 18.11 -14.53
N CYS D 125 7.49 18.80 -15.67
CA CYS D 125 6.78 18.35 -16.86
C CYS D 125 7.38 17.06 -17.40
N ALA D 126 8.71 16.99 -17.37
CA ALA D 126 9.43 15.79 -17.82
C ALA D 126 9.15 14.60 -16.91
N GLN D 127 9.02 14.85 -15.61
CA GLN D 127 8.65 13.82 -14.65
C GLN D 127 7.24 13.30 -14.93
N ALA D 128 6.32 14.22 -15.21
CA ALA D 128 4.92 13.91 -15.46
C ALA D 128 4.74 12.94 -16.62
N ALA D 129 5.53 13.13 -17.68
CA ALA D 129 5.50 12.27 -18.86
C ALA D 129 6.08 10.88 -18.56
N PHE D 130 7.19 10.85 -17.82
CA PHE D 130 7.83 9.60 -17.43
C PHE D 130 7.00 8.82 -16.41
N GLN D 131 6.23 9.54 -15.61
CA GLN D 131 5.32 8.94 -14.64
C GLN D 131 4.19 8.15 -15.30
N LYS D 132 3.73 8.64 -16.44
CA LYS D 132 2.70 7.96 -17.21
C LYS D 132 3.24 6.68 -17.85
N VAL D 133 4.50 6.72 -18.26
CA VAL D 133 5.17 5.57 -18.88
C VAL D 133 5.41 4.46 -17.85
N VAL D 134 6.01 4.81 -16.70
CA VAL D 134 6.34 3.82 -15.67
C VAL D 134 5.11 3.18 -15.02
N ALA D 135 4.05 3.98 -14.85
CA ALA D 135 2.78 3.46 -14.35
C ALA D 135 2.13 2.54 -15.38
N GLY D 136 2.24 2.93 -16.65
CA GLY D 136 1.74 2.13 -17.77
C GLY D 136 2.47 0.81 -17.89
N VAL D 137 3.80 0.85 -17.72
CA VAL D 137 4.64 -0.35 -17.72
C VAL D 137 4.33 -1.25 -16.53
N ALA D 138 4.23 -0.65 -15.34
CA ALA D 138 3.90 -1.40 -14.13
C ALA D 138 2.59 -2.18 -14.27
N SER D 139 1.54 -1.49 -14.72
CA SER D 139 0.22 -2.09 -14.86
C SER D 139 0.11 -3.06 -16.04
N ALA D 140 1.12 -3.05 -16.92
CA ALA D 140 1.19 -3.98 -18.04
C ALA D 140 1.73 -5.35 -17.63
N LEU D 141 2.57 -5.35 -16.58
CA LEU D 141 3.10 -6.58 -16.01
C LEU D 141 2.10 -7.21 -15.05
N ALA D 142 1.33 -6.37 -14.38
CA ALA D 142 0.28 -6.79 -13.46
C ALA D 142 -0.96 -7.29 -14.20
N HIS D 143 -1.11 -6.89 -15.46
CA HIS D 143 -2.25 -7.33 -16.28
C HIS D 143 -2.21 -8.85 -16.54
N LYS D 144 -2.55 -9.60 -15.50
CA LYS D 144 -2.77 -11.05 -15.57
C LYS D 144 -3.38 -11.46 -14.22
N TYR D 145 -4.13 -10.54 -13.61
CA TYR D 145 -4.62 -10.68 -12.24
C TYR D 145 -6.13 -10.53 -11.99
N HIS D 146 -6.86 -9.73 -12.77
CA HIS D 146 -6.37 -8.98 -13.93
C HIS D 146 -5.89 -7.58 -13.53
CHA HEM E . 8.09 -17.51 12.45
CHB HEM E . 5.11 -14.25 14.44
CHC HEM E . 3.62 -12.86 10.07
CHD HEM E . 6.52 -16.17 7.99
C1A HEM E . 7.35 -16.80 13.37
C2A HEM E . 7.29 -17.07 14.81
C3A HEM E . 6.47 -16.17 15.35
C4A HEM E . 5.98 -15.31 14.29
CMA HEM E . 6.09 -16.03 16.85
CAA HEM E . 8.05 -18.18 15.55
CBA HEM E . 9.33 -17.55 16.10
CGA HEM E . 10.36 -18.62 16.37
O1A HEM E . 10.33 -19.20 17.49
O2A HEM E . 11.18 -18.89 15.45
C1B HEM E . 4.40 -13.64 13.45
C2B HEM E . 3.27 -12.74 13.64
C3B HEM E . 2.86 -12.35 12.43
C4B HEM E . 3.71 -12.99 11.44
CMB HEM E . 2.69 -12.33 15.01
CAB HEM E . 1.67 -11.40 12.12
CBB HEM E . 1.66 -10.13 12.55
C1C HEM E . 4.22 -13.67 9.12
C2C HEM E . 3.93 -13.68 7.71
C3C HEM E . 4.72 -14.59 7.13
C4C HEM E . 5.56 -15.19 8.17
CMC HEM E . 2.88 -12.79 6.99
CAC HEM E . 4.77 -14.96 5.63
CBC HEM E . 3.82 -15.73 5.10
C1D HEM E . 7.19 -16.86 8.98
C2D HEM E . 8.10 -17.97 8.76
C3D HEM E . 8.59 -18.39 10.15
C4D HEM E . 7.93 -17.49 11.07
CMD HEM E . 8.49 -18.61 7.41
CAD HEM E . 9.57 -19.54 10.49
CBD HEM E . 8.74 -20.79 10.80
CGD HEM E . 9.62 -21.90 11.28
O1D HEM E . 10.29 -22.54 10.41
O2D HEM E . 9.67 -22.16 12.50
NA HEM E . 6.53 -15.73 13.11
NB HEM E . 4.64 -13.77 12.10
NC HEM E . 5.22 -14.59 9.37
ND HEM E . 7.12 -16.61 10.35
FE HEM E . 5.87 -15.22 11.23
CHA HEM F . -21.31 5.49 -6.58
CHB HEM F . -20.76 0.67 -6.61
CHC HEM F . -16.35 1.15 -4.63
CHD HEM F . -17.21 5.87 -3.92
C1A HEM F . -21.52 4.15 -6.83
C2A HEM F . -22.63 3.58 -7.58
C3A HEM F . -22.47 2.25 -7.58
C4A HEM F . -21.27 1.93 -6.84
CMA HEM F . -23.40 1.21 -8.26
CAA HEM F . -23.77 4.41 -8.26
CBA HEM F . -25.09 4.30 -7.50
CGA HEM F . -26.24 4.70 -8.39
O1A HEM F . -26.46 4.04 -9.44
O2A HEM F . -26.94 5.69 -8.05
C1B HEM F . -19.50 0.36 -6.12
C2B HEM F . -18.89 -0.96 -6.06
C3B HEM F . -17.68 -0.83 -5.51
C4B HEM F . -17.47 0.58 -5.20
CMB HEM F . -19.54 -2.27 -6.55
CAB HEM F . -16.65 -1.97 -5.25
CBB HEM F . -16.88 -2.90 -4.32
C1C HEM F . -16.28 2.43 -4.11
C2C HEM F . -15.41 2.91 -3.06
C3C HEM F . -15.64 4.21 -2.87
C4C HEM F . -16.68 4.61 -3.79
CMC HEM F . -14.37 2.06 -2.29
CAC HEM F . -14.94 5.13 -1.84
CBC HEM F . -13.97 5.95 -2.22
C1D HEM F . -18.38 6.23 -4.56
C2D HEM F . -18.96 7.56 -4.59
C3D HEM F . -20.24 7.43 -5.43
C4D HEM F . -20.31 6.05 -5.81
CMD HEM F . -18.41 8.85 -3.92
CAD HEM F . -21.24 8.56 -5.76
CBD HEM F . -22.37 8.47 -4.74
CGD HEM F . -23.36 9.59 -4.98
O1D HEM F . -24.15 9.47 -5.95
O2D HEM F . -23.34 10.58 -4.20
NA HEM F . -20.71 3.11 -6.40
NB HEM F . -18.61 1.26 -5.58
NC HEM F . -17.05 3.51 -4.53
ND HEM F . -19.20 5.38 -5.29
FE HEM F . -18.83 3.33 -5.47
CHA HEM G . -1.57 22.40 5.10
CHB HEM G . 2.57 20.07 6.09
CHC HEM G . 1.37 16.52 3.01
CHD HEM G . -2.68 18.91 1.81
C1A HEM G . -0.32 22.11 5.59
C2A HEM G . 0.52 23.01 6.37
C3A HEM G . 1.67 22.35 6.65
C4A HEM G . 1.59 21.04 6.04
CMA HEM G . 2.87 22.90 7.46
CAA HEM G . 0.15 24.44 6.82
CBA HEM G . -0.41 24.45 8.23
CGA HEM G . -1.33 25.63 8.37
O1A HEM G . -0.83 26.74 8.73
O2A HEM G . -2.55 25.46 8.13
C1B HEM G . 2.60 18.89 5.37
C2B HEM G . 3.63 17.87 5.44
C3B HEM G . 3.31 16.89 4.60
C4B HEM G . 2.06 17.25 3.95
CMB HEM G . 4.89 17.90 6.35
CAB HEM G . 4.17 15.62 4.39
CBB HEM G . 3.80 14.61 3.59
C1C HEM G . 0.20 16.86 2.37
C2C HEM G . -0.44 16.15 1.28
C3C HEM G . -1.56 16.81 0.95
C4C HEM G . -1.67 17.97 1.83
CMC HEM G . 0.09 14.85 0.63
CAC HEM G . -2.56 16.42 -0.15
CBC HEM G . -2.26 16.56 -1.44
C1D HEM G . -2.78 20.06 2.58
C2D HEM G . -3.87 21.02 2.53
C3D HEM G . -3.52 22.10 3.55
C4D HEM G . -2.25 21.70 4.12
CMD HEM G . -5.12 20.97 1.62
CAD HEM G . -4.34 23.38 3.90
CBD HEM G . -3.89 24.50 2.97
CGD HEM G . -4.60 25.78 3.32
O1D HEM G . -5.86 25.79 3.36
O2D HEM G . -3.90 26.81 3.55
NA HEM G . 0.37 20.94 5.40
NB HEM G . 1.66 18.47 4.45
NC HEM G . -0.58 17.96 2.68
ND HEM G . -1.85 20.50 3.53
FE HEM G . -0.13 19.48 4.02
CHA HEM H . 13.42 -11.29 -14.80
CHB HEM H . 12.21 -6.97 -16.63
CHC HEM H . 9.98 -5.85 -12.48
CHD HEM H . 12.05 -9.68 -10.36
C1A HEM H . 13.21 -10.26 -15.68
C2A HEM H . 13.48 -10.30 -17.11
C3A HEM H . 13.14 -9.10 -17.62
C4A HEM H . 12.66 -8.27 -16.53
CMA HEM H . 13.26 -8.66 -19.10
CAA HEM H . 14.03 -11.53 -17.88
CBA HEM H . 15.47 -11.37 -18.38
CGA HEM H . 16.00 -12.69 -18.89
O1A HEM H . 15.19 -13.53 -19.36
O2A HEM H . 17.23 -12.90 -18.82
C1B HEM H . 11.46 -6.29 -15.69
C2B HEM H . 10.83 -5.01 -15.86
C3B HEM H . 10.20 -4.68 -14.72
C4B HEM H . 10.43 -5.77 -13.78
CMB HEM H . 10.85 -4.15 -17.16
CAB HEM H . 9.39 -3.38 -14.50
CBB HEM H . 9.09 -2.92 -13.27
C1C HEM H . 10.48 -6.68 -11.51
C2C HEM H . 10.53 -6.43 -10.08
C3C HEM H . 11.11 -7.49 -9.49
C4C HEM H . 11.44 -8.45 -10.54
CMC HEM H . 10.01 -5.17 -9.35
CAC HEM H . 11.38 -7.68 -7.99
CBC HEM H . 10.63 -8.51 -7.26
C1D HEM H . 12.57 -10.50 -11.35
C2D HEM H . 13.14 -11.82 -11.14
C3D HEM H . 13.56 -12.33 -12.52
C4D HEM H . 13.21 -11.26 -13.43
CMD HEM H . 13.27 -12.55 -9.78
CAD HEM H . 14.23 -13.68 -12.87
CBD HEM H . 15.61 -13.73 -12.21
CGD HEM H . 16.58 -14.56 -13.01
O1D HEM H . 16.59 -14.46 -14.27
O2D HEM H . 17.36 -15.33 -12.38
NA HEM H . 12.72 -9.01 -15.37
NB HEM H . 11.20 -6.72 -14.41
NC HEM H . 11.06 -7.92 -11.74
ND HEM H . 12.63 -10.22 -12.71
FE HEM H . 12.01 -8.41 -13.47
#